data_4CXV
#
_entry.id   4CXV
#
_cell.length_a   45.524
_cell.length_b   52.870
_cell.length_c   60.841
_cell.angle_alpha   71.34
_cell.angle_beta   78.63
_cell.angle_gamma   76.62
#
_symmetry.space_group_name_H-M   'P 1'
#
loop_
_entity.id
_entity.type
_entity.pdbx_description
1 polymer 'ENDONUCLEASE 2'
2 branched alpha-D-mannopyranose-(1-3)-beta-D-mannopyranose-(1-4)-2-acetamido-2-deoxy-beta-D-glucopyranose-(1-4)-2-acetamido-2-deoxy-beta-D-glucopyranose
3 branched 2-acetamido-2-deoxy-beta-D-glucopyranose-(1-4)-2-acetamido-2-deoxy-beta-D-glucopyranose
4 branched alpha-D-mannopyranose-(1-6)-alpha-D-mannopyranose-(1-6)-[alpha-D-mannopyranose-(1-3)]beta-D-mannopyranose-(1-4)-2-acetamido-2-deoxy-beta-D-glucopyranose-(1-4)-2-acetamido-2-deoxy-beta-D-glucopyranose
5 branched beta-D-mannopyranose-(1-4)-2-acetamido-2-deoxy-beta-D-glucopyranose-(1-4)-2-acetamido-2-deoxy-beta-D-glucopyranose
6 non-polymer 2-acetamido-2-deoxy-beta-D-glucopyranose
7 non-polymer 'PHOSPHATE ION'
8 non-polymer 'ZINC ION'
9 water water
#
_entity_poly.entity_id   1
_entity_poly.type   'polypeptide(L)'
_entity_poly.pdbx_seq_one_letter_code
;WGKEGHEIICKIAQTRLDETAAKAVKELLPESAEGDLSSLCLWADRVKFRYHWSSPLHYINTPDACSYQYNRDCKDESGE
KGRCVAGAIYNYTTQLLSYKTAASSQSQYNLTEALLFVSHFMGDIHQPLHVSYASDKGGNTIEVHWYTRKANLHHIWDSN
IIETAEADLYNSALEGMVDALKKNITTEWADQVKRWETCTKKTACPDIYASEGIQAACDWAYKGVTEGDTLEDEYFYSRL
PIVYQRLAQGGVRLAATLNRIFGHHHHHH
;
_entity_poly.pdbx_strand_id   A,B
#
loop_
_chem_comp.id
_chem_comp.type
_chem_comp.name
_chem_comp.formula
BMA D-saccharide, beta linking beta-D-mannopyranose 'C6 H12 O6'
MAN D-saccharide, alpha linking alpha-D-mannopyranose 'C6 H12 O6'
NAG D-saccharide, beta linking 2-acetamido-2-deoxy-beta-D-glucopyranose 'C8 H15 N O6'
PO4 non-polymer 'PHOSPHATE ION' 'O4 P -3'
ZN non-polymer 'ZINC ION' 'Zn 2'
#
# COMPACT_ATOMS: atom_id res chain seq x y z
N TRP A 1 0.88 12.91 17.18
CA TRP A 1 0.16 12.18 18.24
C TRP A 1 0.47 12.73 19.61
N GLY A 2 -0.46 12.50 20.52
CA GLY A 2 -0.19 12.68 21.95
C GLY A 2 0.60 11.51 22.52
N LYS A 3 0.65 11.46 23.84
CA LYS A 3 1.50 10.53 24.55
C LYS A 3 1.24 9.10 24.18
N GLU A 4 -0.03 8.73 24.16
CA GLU A 4 -0.41 7.33 23.96
CA GLU A 4 -0.41 7.33 23.96
C GLU A 4 0.02 6.84 22.57
N GLY A 5 -0.23 7.65 21.55
CA GLY A 5 0.13 7.25 20.19
C GLY A 5 1.63 7.03 20.04
N HIS A 6 2.43 7.95 20.54
CA HIS A 6 3.89 7.78 20.46
C HIS A 6 4.37 6.56 21.25
N GLU A 7 3.79 6.35 22.43
CA GLU A 7 4.18 5.17 23.23
C GLU A 7 3.91 3.89 22.48
N ILE A 8 2.73 3.80 21.88
CA ILE A 8 2.36 2.63 21.11
C ILE A 8 3.33 2.39 19.97
N ILE A 9 3.59 3.43 19.20
CA ILE A 9 4.48 3.32 18.05
C ILE A 9 5.85 2.85 18.49
N CYS A 10 6.40 3.48 19.52
CA CYS A 10 7.73 3.12 19.97
C CYS A 10 7.80 1.74 20.62
N LYS A 11 6.74 1.31 21.31
CA LYS A 11 6.71 -0.04 21.87
C LYS A 11 6.69 -1.09 20.79
N ILE A 12 5.87 -0.87 19.77
CA ILE A 12 5.84 -1.79 18.62
C ILE A 12 7.23 -1.80 17.98
N ALA A 13 7.78 -0.63 17.73
CA ALA A 13 9.06 -0.56 17.05
C ALA A 13 10.16 -1.28 17.79
N GLN A 14 10.26 -1.06 19.09
CA GLN A 14 11.42 -1.58 19.80
C GLN A 14 11.43 -3.11 19.78
N THR A 15 10.25 -3.72 19.81
CA THR A 15 10.15 -5.18 19.74
C THR A 15 10.44 -5.77 18.35
N ARG A 16 10.50 -4.92 17.32
CA ARG A 16 10.78 -5.34 15.96
C ARG A 16 12.21 -5.00 15.49
N LEU A 17 13.04 -4.53 16.40
CA LEU A 17 14.44 -4.28 16.09
C LEU A 17 15.21 -5.58 16.00
N ASP A 18 16.15 -5.63 15.06
CA ASP A 18 17.10 -6.71 14.98
C ASP A 18 18.20 -6.48 16.03
N GLU A 19 19.07 -7.47 16.18
CA GLU A 19 19.99 -7.44 17.27
C GLU A 19 20.92 -6.21 17.24
N THR A 20 21.44 -5.89 16.07
CA THR A 20 22.35 -4.74 15.97
C THR A 20 21.66 -3.42 16.29
N ALA A 21 20.43 -3.24 15.81
CA ALA A 21 19.65 -2.02 16.11
C ALA A 21 19.29 -1.98 17.60
N ALA A 22 18.90 -3.13 18.16
CA ALA A 22 18.51 -3.15 19.56
C ALA A 22 19.67 -2.70 20.46
N LYS A 23 20.85 -3.17 20.13
CA LYS A 23 22.07 -2.82 20.84
C LYS A 23 22.38 -1.34 20.72
N ALA A 24 22.33 -0.80 19.50
CA ALA A 24 22.60 0.62 19.28
C ALA A 24 21.63 1.50 20.05
N VAL A 25 20.35 1.13 20.01
CA VAL A 25 19.35 1.90 20.75
C VAL A 25 19.61 1.86 22.27
N LYS A 26 19.91 0.70 22.81
CA LYS A 26 20.23 0.60 24.23
C LYS A 26 21.43 1.49 24.59
N GLU A 27 22.43 1.54 23.71
CA GLU A 27 23.64 2.35 23.94
C GLU A 27 23.35 3.85 23.87
N LEU A 28 22.51 4.24 22.92
CA LEU A 28 22.20 5.67 22.72
C LEU A 28 21.15 6.22 23.69
N LEU A 29 20.32 5.36 24.27
CA LEU A 29 19.41 5.79 25.30
C LEU A 29 20.17 6.12 26.59
N PRO A 30 19.72 7.15 27.32
CA PRO A 30 20.34 7.37 28.62
C PRO A 30 19.99 6.30 29.63
N GLU A 31 20.83 6.13 30.63
CA GLU A 31 20.60 5.15 31.70
C GLU A 31 19.22 5.28 32.31
N SER A 32 18.77 6.53 32.46
CA SER A 32 17.46 6.83 33.08
C SER A 32 16.28 6.22 32.33
N ALA A 33 16.45 5.92 31.05
CA ALA A 33 15.40 5.28 30.25
C ALA A 33 15.18 3.82 30.59
N GLU A 34 16.14 3.20 31.27
CA GLU A 34 16.06 1.78 31.63
C GLU A 34 15.80 0.91 30.41
N GLY A 35 16.41 1.30 29.28
CA GLY A 35 16.37 0.52 28.06
C GLY A 35 15.09 0.68 27.22
N ASP A 36 14.16 1.52 27.68
CA ASP A 36 12.82 1.62 27.07
C ASP A 36 12.73 2.85 26.16
N LEU A 37 12.75 2.63 24.85
CA LEU A 37 12.63 3.70 23.89
C LEU A 37 11.34 4.49 24.11
N SER A 38 10.26 3.78 24.40
CA SER A 38 8.96 4.42 24.57
C SER A 38 8.92 5.41 25.71
N SER A 39 9.84 5.32 26.68
CA SER A 39 9.85 6.26 27.76
C SER A 39 10.29 7.67 27.32
N LEU A 40 10.89 7.78 26.13
CA LEU A 40 11.37 9.06 25.64
C LEU A 40 10.78 9.46 24.27
N CYS A 41 9.73 8.78 23.85
CA CYS A 41 9.19 9.12 22.52
C CYS A 41 8.32 10.36 22.49
N LEU A 42 8.15 11.02 23.64
CA LEU A 42 7.55 12.37 23.68
C LEU A 42 8.57 13.48 23.95
N TRP A 43 9.85 13.11 24.08
CA TRP A 43 10.88 14.10 24.38
C TRP A 43 10.84 15.25 23.38
N ALA A 44 10.66 14.96 22.10
CA ALA A 44 10.67 16.03 21.12
C ALA A 44 9.59 17.06 21.39
N ASP A 45 8.42 16.63 21.85
CA ASP A 45 7.35 17.61 22.09
C ASP A 45 7.74 18.63 23.18
N ARG A 46 8.59 18.20 24.13
CA ARG A 46 8.97 19.06 25.26
C ARG A 46 10.02 20.10 24.90
N VAL A 47 10.64 19.97 23.72
CA VAL A 47 11.67 20.93 23.29
C VAL A 47 11.19 21.80 22.12
N LYS A 48 9.88 21.86 21.91
CA LYS A 48 9.31 22.78 20.92
C LYS A 48 9.69 24.24 21.12
N PHE A 49 9.91 24.66 22.36
CA PHE A 49 10.30 26.05 22.64
C PHE A 49 11.73 26.14 23.11
N ARG A 50 12.16 25.18 23.90
CA ARG A 50 13.58 25.08 24.26
C ARG A 50 14.47 25.07 23.02
N TYR A 51 14.02 24.37 21.98
CA TYR A 51 14.63 24.40 20.64
C TYR A 51 13.53 24.88 19.68
N HIS A 52 13.34 26.20 19.58
CA HIS A 52 12.22 26.76 18.80
C HIS A 52 12.30 26.34 17.33
N TRP A 53 13.52 26.19 16.83
CA TRP A 53 13.77 25.72 15.48
C TRP A 53 13.16 24.35 15.19
N SER A 54 12.83 23.59 16.25
CA SER A 54 12.30 22.26 16.08
C SER A 54 10.77 22.21 15.90
N SER A 55 10.03 23.28 16.21
CA SER A 55 8.55 23.15 16.21
C SER A 55 7.95 22.87 14.84
N PRO A 56 8.50 23.48 13.79
CA PRO A 56 7.93 23.17 12.45
C PRO A 56 8.23 21.75 11.98
N LEU A 57 9.17 21.07 12.65
CA LEU A 57 9.59 19.74 12.24
C LEU A 57 8.59 18.65 12.61
N HIS A 58 7.51 18.99 13.32
CA HIS A 58 6.53 18.00 13.74
C HIS A 58 5.45 17.74 12.69
N TYR A 59 5.35 18.55 11.65
CA TYR A 59 4.21 18.46 10.75
C TYR A 59 4.58 18.96 9.35
N ILE A 60 3.60 18.88 8.46
CA ILE A 60 3.67 19.40 7.10
C ILE A 60 2.38 20.17 6.84
N ASN A 61 2.49 21.37 6.34
CA ASN A 61 1.31 22.15 5.90
C ASN A 61 1.21 22.05 4.38
N THR A 62 0.01 21.76 3.90
CA THR A 62 -0.28 21.72 2.46
C THR A 62 -1.33 22.76 2.10
N PRO A 63 -1.49 23.03 0.80
CA PRO A 63 -2.63 23.84 0.33
C PRO A 63 -3.95 23.09 0.57
N ASP A 64 -5.07 23.76 0.34
CA ASP A 64 -6.39 23.09 0.42
C ASP A 64 -6.59 22.12 -0.75
N ALA A 65 -5.87 20.99 -0.70
CA ALA A 65 -6.03 19.93 -1.69
C ALA A 65 -5.47 18.67 -1.06
N CYS A 66 -5.63 17.55 -1.74
CA CYS A 66 -5.37 16.22 -1.16
C CYS A 66 -4.15 15.60 -1.80
N SER A 67 -3.08 16.35 -1.72
CA SER A 67 -1.82 15.98 -2.29
C SER A 67 -0.68 16.57 -1.48
N TYR A 68 0.47 15.88 -1.50
CA TYR A 68 1.67 16.35 -0.87
C TYR A 68 2.82 16.26 -1.85
N GLN A 69 3.59 17.36 -1.96
CA GLN A 69 4.85 17.36 -2.69
C GLN A 69 5.93 17.92 -1.79
N TYR A 70 7.05 17.22 -1.66
CA TYR A 70 8.16 17.67 -0.85
C TYR A 70 8.60 19.10 -1.22
N ASN A 71 8.89 19.31 -2.49
CA ASN A 71 9.42 20.58 -2.90
C ASN A 71 8.45 21.74 -2.61
N ARG A 72 7.17 21.50 -2.75
CA ARG A 72 6.17 22.53 -2.53
C ARG A 72 5.92 22.75 -1.03
N ASP A 73 5.84 21.66 -0.27
CA ASP A 73 5.25 21.69 1.08
C ASP A 73 6.28 21.55 2.22
N CYS A 74 7.45 20.98 1.95
CA CYS A 74 8.39 20.80 3.03
C CYS A 74 9.21 22.06 3.26
N LYS A 75 8.64 22.94 4.06
CA LYS A 75 9.31 24.20 4.39
C LYS A 75 8.57 24.84 5.54
N ASP A 76 9.26 25.67 6.29
CA ASP A 76 8.67 26.28 7.47
C ASP A 76 8.06 27.65 7.13
N GLU A 77 7.73 28.43 8.15
CA GLU A 77 7.06 29.69 7.97
C GLU A 77 7.94 30.77 7.34
N SER A 78 9.24 30.58 7.30
CA SER A 78 10.13 31.46 6.52
C SER A 78 10.48 30.89 5.14
N GLY A 79 9.83 29.79 4.76
CA GLY A 79 10.08 29.17 3.46
C GLY A 79 11.37 28.37 3.39
N GLU A 80 12.02 28.13 4.54
CA GLU A 80 13.28 27.40 4.52
C GLU A 80 13.07 25.91 4.21
N LYS A 81 13.59 25.48 3.08
CA LYS A 81 13.30 24.16 2.55
C LYS A 81 13.79 23.06 3.44
N GLY A 82 12.98 22.02 3.61
CA GLY A 82 13.41 20.88 4.44
C GLY A 82 12.90 20.93 5.87
N ARG A 83 12.39 22.08 6.30
CA ARG A 83 11.99 22.22 7.69
C ARG A 83 10.50 21.85 7.88
N CYS A 84 10.29 20.55 7.83
CA CYS A 84 8.98 19.90 8.03
C CYS A 84 9.28 18.48 8.49
N VAL A 85 8.28 17.72 8.89
CA VAL A 85 8.55 16.41 9.47
C VAL A 85 9.27 15.45 8.51
N ALA A 86 8.96 15.49 7.22
CA ALA A 86 9.69 14.69 6.25
C ALA A 86 11.18 15.06 6.21
N GLY A 87 11.45 16.35 6.09
CA GLY A 87 12.81 16.84 6.09
C GLY A 87 13.57 16.50 7.37
N ALA A 88 12.87 16.54 8.50
CA ALA A 88 13.46 16.18 9.77
C ALA A 88 13.83 14.70 9.80
N ILE A 89 12.96 13.86 9.28
CA ILE A 89 13.27 12.43 9.24
C ILE A 89 14.52 12.19 8.39
N TYR A 90 14.61 12.81 7.22
CA TYR A 90 15.83 12.68 6.43
C TYR A 90 17.06 13.12 7.22
N ASN A 91 16.95 14.25 7.90
CA ASN A 91 18.06 14.83 8.66
C ASN A 91 18.57 13.88 9.73
N TYR A 92 17.68 13.46 10.60
CA TYR A 92 18.08 12.68 11.77
C TYR A 92 18.44 11.26 11.41
N THR A 93 17.83 10.67 10.37
CA THR A 93 18.28 9.36 9.93
C THR A 93 19.70 9.43 9.38
N THR A 94 19.99 10.48 8.62
CA THR A 94 21.32 10.67 8.09
C THR A 94 22.34 10.80 9.23
N GLN A 95 22.00 11.57 10.25
CA GLN A 95 22.90 11.72 11.39
C GLN A 95 23.19 10.39 12.04
N LEU A 96 22.18 9.54 12.22
CA LEU A 96 22.39 8.25 12.86
C LEU A 96 23.27 7.29 12.05
N LEU A 97 23.37 7.49 10.73
CA LEU A 97 24.31 6.74 9.92
C LEU A 97 25.74 6.88 10.39
N SER A 98 26.04 7.97 11.08
CA SER A 98 27.37 8.23 11.64
C SER A 98 27.70 7.46 12.92
N TYR A 99 26.77 6.69 13.47
CA TYR A 99 27.02 5.95 14.69
C TYR A 99 28.14 4.95 14.49
N LYS A 100 29.12 5.03 15.39
CA LYS A 100 30.35 4.24 15.35
C LYS A 100 31.25 4.29 14.09
N THR A 101 31.19 5.37 13.31
CA THR A 101 32.06 5.52 12.14
C THR A 101 33.31 6.36 12.43
N ALA A 102 34.32 6.22 11.57
CA ALA A 102 35.52 7.05 11.60
C ALA A 102 35.34 8.22 10.62
N ALA A 103 35.32 9.43 11.18
CA ALA A 103 34.91 10.62 10.45
C ALA A 103 35.17 11.83 11.32
N GLN A 108 29.78 15.94 15.34
CA GLN A 108 29.21 17.24 15.69
C GLN A 108 27.85 17.05 16.39
N TYR A 109 27.12 16.01 15.99
CA TYR A 109 25.75 15.84 16.43
C TYR A 109 25.55 14.90 17.62
N ASN A 110 24.56 15.25 18.43
CA ASN A 110 24.20 14.41 19.56
C ASN A 110 23.25 13.32 19.05
N LEU A 111 23.74 12.10 19.04
CA LEU A 111 23.00 11.01 18.42
C LEU A 111 21.91 10.44 19.31
N THR A 112 21.96 10.72 20.62
CA THR A 112 20.82 10.44 21.47
C THR A 112 19.63 11.32 21.02
N GLU A 113 19.87 12.61 20.85
CA GLU A 113 18.84 13.48 20.31
C GLU A 113 18.38 12.99 18.94
N ALA A 114 19.30 12.58 18.08
CA ALA A 114 18.89 12.15 16.75
C ALA A 114 17.92 10.95 16.83
N LEU A 115 18.21 10.01 17.72
CA LEU A 115 17.34 8.87 17.94
C LEU A 115 15.95 9.28 18.46
N LEU A 116 15.94 10.17 19.43
CA LEU A 116 14.68 10.61 20.02
C LEU A 116 13.83 11.41 19.02
N PHE A 117 14.51 12.23 18.22
CA PHE A 117 13.82 12.96 17.16
C PHE A 117 13.26 12.03 16.10
N VAL A 118 14.07 11.11 15.59
CA VAL A 118 13.56 10.27 14.53
C VAL A 118 12.42 9.40 15.02
N SER A 119 12.49 8.93 16.28
CA SER A 119 11.46 8.09 16.86
CA SER A 119 11.44 8.10 16.86
C SER A 119 10.13 8.87 16.92
N HIS A 120 10.19 10.08 17.44
CA HIS A 120 9.00 10.89 17.55
C HIS A 120 8.45 11.30 16.17
N PHE A 121 9.34 11.77 15.30
CA PHE A 121 8.91 12.27 14.00
C PHE A 121 8.40 11.15 13.09
N MET A 122 8.96 9.96 13.17
CA MET A 122 8.39 8.82 12.46
C MET A 122 6.95 8.59 12.91
N GLY A 123 6.66 8.80 14.18
CA GLY A 123 5.30 8.78 14.65
C GLY A 123 4.45 9.90 14.09
N ASP A 124 4.92 11.14 14.23
CA ASP A 124 4.12 12.27 13.80
C ASP A 124 3.79 12.22 12.31
N ILE A 125 4.71 11.78 11.46
CA ILE A 125 4.44 11.75 10.02
C ILE A 125 3.32 10.77 9.67
N HIS A 126 2.96 9.89 10.61
CA HIS A 126 1.84 8.98 10.43
C HIS A 126 0.50 9.48 10.97
N GLN A 127 0.50 10.59 11.70
CA GLN A 127 -0.76 11.16 12.18
C GLN A 127 -1.33 11.95 10.96
N PRO A 128 -2.51 11.54 10.45
CA PRO A 128 -2.97 12.17 9.21
C PRO A 128 -3.02 13.70 9.25
N LEU A 129 -3.45 14.26 10.37
CA LEU A 129 -3.56 15.70 10.49
C LEU A 129 -2.24 16.42 10.78
N HIS A 130 -1.13 15.66 10.83
CA HIS A 130 0.20 16.27 10.75
C HIS A 130 0.68 16.45 9.30
N VAL A 131 -0.12 16.04 8.32
CA VAL A 131 0.17 16.30 6.90
C VAL A 131 -1.16 16.75 6.33
N SER A 132 -1.51 18.00 6.57
CA SER A 132 -2.81 18.49 6.22
C SER A 132 -2.79 20.00 6.01
N TYR A 133 -3.96 20.62 6.01
CA TYR A 133 -4.08 21.97 5.49
C TYR A 133 -3.53 23.04 6.40
N ALA A 134 -2.69 23.87 5.87
CA ALA A 134 -2.29 25.10 6.52
C ALA A 134 -3.48 25.97 6.86
N SER A 135 -4.50 26.01 6.00
CA SER A 135 -5.65 26.92 6.19
C SER A 135 -6.46 26.69 7.48
N ASP A 136 -6.43 25.47 8.01
CA ASP A 136 -7.06 25.16 9.31
C ASP A 136 -6.04 24.67 10.36
N LYS A 137 -4.78 24.96 10.12
CA LYS A 137 -3.70 24.59 11.01
C LYS A 137 -3.76 23.10 11.33
N GLY A 138 -3.88 22.29 10.30
CA GLY A 138 -3.93 20.85 10.49
C GLY A 138 -5.12 20.39 11.31
N GLY A 139 -6.24 21.07 11.16
CA GLY A 139 -7.42 20.78 11.92
C GLY A 139 -7.50 21.41 13.30
N ASN A 140 -6.46 22.09 13.73
CA ASN A 140 -6.46 22.75 15.03
C ASN A 140 -7.51 23.81 15.17
N THR A 141 -7.93 24.45 14.07
CA THR A 141 -8.95 25.49 14.15
C THR A 141 -10.36 24.96 13.93
N ILE A 142 -10.51 23.66 13.73
CA ILE A 142 -11.84 23.06 13.51
C ILE A 142 -12.36 22.60 14.86
N GLU A 143 -13.26 23.39 15.44
CA GLU A 143 -13.75 23.13 16.80
C GLU A 143 -15.07 22.39 16.73
N VAL A 144 -15.08 21.21 17.34
CA VAL A 144 -16.21 20.28 17.35
C VAL A 144 -16.42 19.79 18.77
N HIS A 145 -17.24 18.79 18.95
CA HIS A 145 -17.36 18.07 20.22
C HIS A 145 -16.98 16.62 19.95
N TRP A 146 -16.16 16.07 20.85
CA TRP A 146 -15.92 14.64 20.92
C TRP A 146 -16.83 14.10 22.01
N TYR A 147 -17.95 13.46 21.64
CA TYR A 147 -19.01 13.16 22.54
C TYR A 147 -19.35 14.42 23.32
N THR A 148 -19.21 14.38 24.65
CA THR A 148 -19.67 15.45 25.54
C THR A 148 -18.69 16.59 25.71
N ARG A 149 -17.47 16.49 25.17
CA ARG A 149 -16.46 17.51 25.37
C ARG A 149 -16.13 18.31 24.12
N LYS A 150 -15.95 19.61 24.26
CA LYS A 150 -15.39 20.41 23.17
C LYS A 150 -13.95 19.99 22.90
N ALA A 151 -13.60 19.88 21.62
CA ALA A 151 -12.25 19.56 21.21
C ALA A 151 -12.06 19.99 19.79
N ASN A 152 -10.83 20.27 19.41
CA ASN A 152 -10.58 20.52 17.99
C ASN A 152 -10.20 19.22 17.29
N LEU A 153 -10.38 19.21 15.98
CA LEU A 153 -10.24 17.99 15.21
C LEU A 153 -8.81 17.43 15.28
N HIS A 154 -7.83 18.30 15.28
CA HIS A 154 -6.46 17.87 15.41
C HIS A 154 -6.23 17.05 16.68
N HIS A 155 -6.72 17.59 17.79
CA HIS A 155 -6.57 16.94 19.08
C HIS A 155 -7.30 15.59 19.11
N ILE A 156 -8.44 15.53 18.44
CA ILE A 156 -9.17 14.26 18.36
C ILE A 156 -8.30 13.18 17.74
N TRP A 157 -7.57 13.53 16.68
CA TRP A 157 -6.67 12.60 16.03
C TRP A 157 -5.39 12.35 16.81
N ASP A 158 -4.84 13.36 17.48
CA ASP A 158 -3.66 13.13 18.31
C ASP A 158 -3.96 12.20 19.48
N SER A 159 -5.13 12.41 20.11
CA SER A 159 -5.40 11.77 21.40
CA SER A 159 -5.39 11.77 21.40
C SER A 159 -6.77 11.15 21.61
N ASN A 160 -7.84 11.87 21.28
CA ASN A 160 -9.14 11.41 21.73
C ASN A 160 -9.58 10.04 21.18
N ILE A 161 -9.31 9.78 19.90
CA ILE A 161 -9.71 8.51 19.33
C ILE A 161 -9.00 7.34 20.00
N ILE A 162 -7.69 7.47 20.19
CA ILE A 162 -6.92 6.41 20.86
C ILE A 162 -7.41 6.21 22.31
N GLU A 163 -7.60 7.30 23.02
CA GLU A 163 -8.02 7.18 24.42
C GLU A 163 -9.40 6.57 24.55
N THR A 164 -10.31 6.93 23.67
CA THR A 164 -11.67 6.40 23.70
C THR A 164 -11.63 4.92 23.38
N ALA A 165 -10.81 4.52 22.41
CA ALA A 165 -10.65 3.11 22.11
C ALA A 165 -10.06 2.37 23.33
N GLU A 166 -9.05 2.96 23.99
CA GLU A 166 -8.48 2.37 25.18
C GLU A 166 -9.54 2.08 26.22
N ALA A 167 -10.44 3.02 26.43
CA ALA A 167 -11.51 2.91 27.40
C ALA A 167 -12.57 1.94 26.97
N ASP A 168 -12.78 1.82 25.67
CA ASP A 168 -13.87 1.00 25.13
C ASP A 168 -13.53 -0.53 25.28
N LEU A 169 -12.29 -0.87 24.95
CA LEU A 169 -11.90 -2.24 24.81
C LEU A 169 -10.74 -2.66 25.70
N TYR A 170 -9.88 -1.72 26.12
CA TYR A 170 -8.59 -2.10 26.68
C TYR A 170 -8.39 -1.56 28.09
N ASN A 171 -9.49 -1.31 28.78
CA ASN A 171 -9.45 -0.85 30.17
C ASN A 171 -8.57 0.40 30.37
N SER A 172 -8.73 1.39 29.49
CA SER A 172 -8.09 2.73 29.65
C SER A 172 -6.55 2.72 29.71
N ALA A 173 -5.95 1.65 29.21
CA ALA A 173 -4.48 1.50 29.09
C ALA A 173 -4.08 1.00 27.69
N LEU A 174 -2.83 1.31 27.32
CA LEU A 174 -2.35 1.03 25.99
C LEU A 174 -1.82 -0.40 25.79
N GLU A 175 -1.55 -1.17 26.86
CA GLU A 175 -0.96 -2.54 26.67
C GLU A 175 -1.82 -3.50 25.82
N GLY A 176 -3.11 -3.50 26.10
CA GLY A 176 -4.04 -4.30 25.31
C GLY A 176 -4.13 -3.87 23.87
N MET A 177 -4.16 -2.56 23.61
CA MET A 177 -4.11 -2.05 22.26
CA MET A 177 -4.11 -2.05 22.26
C MET A 177 -2.80 -2.42 21.58
N VAL A 178 -1.66 -2.31 22.27
CA VAL A 178 -0.38 -2.67 21.68
C VAL A 178 -0.39 -4.14 21.26
N ASP A 179 -0.82 -5.01 22.18
CA ASP A 179 -0.83 -6.44 21.87
C ASP A 179 -1.77 -6.73 20.67
N ALA A 180 -2.91 -6.06 20.57
CA ALA A 180 -3.86 -6.28 19.44
C ALA A 180 -3.25 -5.80 18.14
N LEU A 181 -2.55 -4.66 18.17
CA LEU A 181 -1.86 -4.18 16.98
C LEU A 181 -0.78 -5.17 16.54
N LYS A 182 0.02 -5.65 17.49
CA LYS A 182 1.04 -6.66 17.18
C LYS A 182 0.43 -7.92 16.62
N LYS A 183 -0.69 -8.38 17.18
CA LYS A 183 -1.41 -9.55 16.69
CA LYS A 183 -1.41 -9.55 16.69
C LYS A 183 -1.77 -9.37 15.22
N ASN A 184 -2.33 -8.22 14.89
CA ASN A 184 -2.74 -7.99 13.52
C ASN A 184 -1.57 -7.83 12.54
N ILE A 185 -0.50 -7.21 13.01
CA ILE A 185 0.73 -7.09 12.21
C ILE A 185 1.20 -8.48 11.78
N THR A 186 1.07 -9.46 12.68
CA THR A 186 1.48 -10.83 12.37
C THR A 186 0.46 -11.60 11.54
N THR A 187 -0.81 -11.52 11.92
CA THR A 187 -1.79 -12.47 11.37
C THR A 187 -2.81 -11.93 10.39
N GLU A 188 -2.97 -10.62 10.32
CA GLU A 188 -3.99 -10.00 9.47
C GLU A 188 -3.38 -9.18 8.34
N TRP A 189 -2.25 -8.52 8.66
CA TRP A 189 -1.66 -7.56 7.75
C TRP A 189 -0.27 -7.95 7.30
N ALA A 190 0.09 -9.21 7.38
CA ALA A 190 1.46 -9.63 7.10
C ALA A 190 1.99 -9.17 5.74
N ASP A 191 1.18 -9.35 4.69
CA ASP A 191 1.50 -8.90 3.34
C ASP A 191 1.79 -7.40 3.33
N GLN A 192 0.87 -6.63 3.92
CA GLN A 192 0.98 -5.18 3.98
C GLN A 192 2.23 -4.74 4.72
N VAL A 193 2.52 -5.40 5.84
CA VAL A 193 3.65 -5.05 6.66
C VAL A 193 4.95 -5.09 5.83
N LYS A 194 5.07 -6.10 4.98
CA LYS A 194 6.26 -6.18 4.15
C LYS A 194 6.39 -4.96 3.24
N ARG A 195 5.27 -4.48 2.70
CA ARG A 195 5.30 -3.28 1.90
C ARG A 195 5.59 -2.03 2.74
N TRP A 196 5.05 -1.97 3.96
CA TRP A 196 5.32 -0.84 4.81
C TRP A 196 6.81 -0.68 5.08
N GLU A 197 7.50 -1.79 5.26
CA GLU A 197 8.93 -1.79 5.57
C GLU A 197 9.83 -1.47 4.40
N THR A 198 9.34 -1.64 3.17
CA THR A 198 10.17 -1.49 2.01
C THR A 198 10.49 -0.02 1.77
N CYS A 199 11.78 0.26 1.54
CA CYS A 199 12.26 1.59 1.25
C CYS A 199 13.61 1.39 0.62
N THR A 200 13.74 1.94 -0.58
CA THR A 200 14.94 1.80 -1.42
C THR A 200 16.03 2.85 -1.15
N LYS A 201 15.70 3.91 -0.42
CA LYS A 201 16.71 4.90 -0.03
C LYS A 201 17.41 4.44 1.24
N THR A 203 18.17 4.99 4.06
CA THR A 203 17.64 5.57 5.26
C THR A 203 16.12 5.33 5.37
N ALA A 204 15.34 6.31 4.94
CA ALA A 204 13.90 6.30 5.13
C ALA A 204 13.17 6.88 3.95
N CYS A 205 11.87 6.62 3.93
CA CYS A 205 10.95 7.00 2.83
C CYS A 205 9.79 7.91 3.29
N PRO A 206 10.13 9.03 3.93
CA PRO A 206 9.08 9.85 4.52
C PRO A 206 8.05 10.39 3.56
N ASP A 207 8.43 10.64 2.32
CA ASP A 207 7.47 11.25 1.38
C ASP A 207 6.31 10.28 1.09
N ILE A 208 6.60 8.99 1.11
CA ILE A 208 5.59 7.99 0.96
C ILE A 208 4.58 8.07 2.10
N TYR A 209 5.08 8.26 3.32
CA TYR A 209 4.26 8.26 4.50
C TYR A 209 3.38 9.51 4.55
N ALA A 210 3.95 10.63 4.16
CA ALA A 210 3.22 11.88 4.11
C ALA A 210 2.11 11.85 3.07
N SER A 211 2.39 11.26 1.91
CA SER A 211 1.35 11.16 0.86
C SER A 211 0.18 10.32 1.30
N GLU A 212 0.44 9.23 2.01
CA GLU A 212 -0.63 8.45 2.63
C GLU A 212 -1.42 9.28 3.61
N GLY A 213 -0.70 10.08 4.40
CA GLY A 213 -1.28 10.85 5.48
C GLY A 213 -2.29 11.88 5.00
N ILE A 214 -1.93 12.66 3.98
CA ILE A 214 -2.87 13.64 3.49
C ILE A 214 -4.09 12.97 2.86
N GLN A 215 -3.90 11.82 2.23
CA GLN A 215 -5.03 11.07 1.68
C GLN A 215 -5.98 10.67 2.81
N ALA A 216 -5.41 10.19 3.92
CA ALA A 216 -6.22 9.85 5.10
C ALA A 216 -6.88 11.09 5.72
N ALA A 217 -6.18 12.21 5.71
CA ALA A 217 -6.77 13.43 6.21
C ALA A 217 -8.03 13.76 5.43
N CYS A 218 -7.96 13.69 4.11
CA CYS A 218 -9.12 14.04 3.28
C CYS A 218 -10.24 13.01 3.32
N ASP A 219 -9.88 11.75 3.31
CA ASP A 219 -10.84 10.65 3.22
C ASP A 219 -11.49 10.32 4.56
N TRP A 220 -10.77 10.55 5.65
CA TRP A 220 -11.24 10.10 6.95
C TRP A 220 -11.32 11.19 8.01
N ALA A 221 -10.31 12.02 8.12
CA ALA A 221 -10.28 12.98 9.24
C ALA A 221 -11.21 14.17 8.99
N TYR A 222 -10.97 14.89 7.91
CA TYR A 222 -11.79 16.02 7.55
C TYR A 222 -13.19 15.61 7.05
N LYS A 223 -13.28 14.42 6.47
CA LYS A 223 -14.45 14.02 5.70
C LYS A 223 -15.69 14.04 6.56
N GLY A 224 -16.71 14.78 6.10
CA GLY A 224 -17.99 14.84 6.76
C GLY A 224 -18.05 15.76 7.96
N VAL A 225 -16.95 16.43 8.32
CA VAL A 225 -16.90 17.21 9.54
C VAL A 225 -17.09 18.68 9.24
N THR A 226 -18.00 19.28 10.00
CA THR A 226 -18.26 20.72 9.95
C THR A 226 -18.05 21.30 11.34
N GLU A 227 -17.48 22.49 11.39
CA GLU A 227 -17.34 23.27 12.62
C GLU A 227 -18.64 23.13 13.43
N GLY A 228 -18.52 22.81 14.72
CA GLY A 228 -19.68 22.70 15.59
C GLY A 228 -20.32 21.31 15.69
N ASP A 229 -19.91 20.38 14.83
CA ASP A 229 -20.48 19.03 14.86
C ASP A 229 -20.18 18.31 16.15
N THR A 230 -21.01 17.34 16.49
CA THR A 230 -20.74 16.40 17.58
C THR A 230 -20.35 15.09 16.92
N LEU A 231 -19.08 14.69 17.15
CA LEU A 231 -18.56 13.43 16.70
C LEU A 231 -18.69 12.44 17.83
N GLU A 232 -19.30 11.30 17.49
CA GLU A 232 -19.67 10.33 18.44
C GLU A 232 -19.41 8.92 17.87
N ASP A 233 -20.22 7.92 18.22
CA ASP A 233 -19.97 6.56 17.78
C ASP A 233 -19.75 6.39 16.28
N GLU A 234 -20.58 7.02 15.44
CA GLU A 234 -20.44 6.77 14.00
C GLU A 234 -19.04 7.15 13.52
N TYR A 235 -18.60 8.34 13.91
CA TYR A 235 -17.28 8.81 13.51
C TYR A 235 -16.18 7.96 14.17
N PHE A 236 -16.33 7.71 15.46
CA PHE A 236 -15.35 6.95 16.21
C PHE A 236 -15.13 5.55 15.59
N TYR A 237 -16.16 4.77 15.40
CA TYR A 237 -16.02 3.44 14.90
C TYR A 237 -15.52 3.40 13.48
N SER A 238 -15.91 4.36 12.67
CA SER A 238 -15.48 4.36 11.29
C SER A 238 -14.03 4.82 11.12
N ARG A 239 -13.53 5.68 11.99
CA ARG A 239 -12.19 6.22 11.90
C ARG A 239 -11.15 5.39 12.69
N LEU A 240 -11.62 4.59 13.64
CA LEU A 240 -10.69 3.83 14.45
C LEU A 240 -9.76 2.94 13.62
N PRO A 241 -10.28 2.23 12.58
CA PRO A 241 -9.39 1.36 11.83
C PRO A 241 -8.23 2.10 11.16
N ILE A 242 -8.46 3.34 10.73
CA ILE A 242 -7.43 4.15 10.10
C ILE A 242 -6.37 4.55 11.15
N VAL A 243 -6.83 4.91 12.33
CA VAL A 243 -5.90 5.18 13.42
C VAL A 243 -5.04 3.94 13.69
N TYR A 244 -5.67 2.78 13.83
CA TYR A 244 -4.91 1.54 14.04
C TYR A 244 -3.87 1.33 12.93
N GLN A 245 -4.31 1.51 11.68
CA GLN A 245 -3.41 1.34 10.55
C GLN A 245 -2.18 2.26 10.66
N ARG A 246 -2.42 3.53 10.95
CA ARG A 246 -1.34 4.49 10.99
C ARG A 246 -0.38 4.27 12.16
N LEU A 247 -0.91 3.84 13.30
CA LEU A 247 -0.06 3.49 14.44
C LEU A 247 0.79 2.27 14.12
N ALA A 248 0.20 1.25 13.51
CA ALA A 248 0.93 0.05 13.14
C ALA A 248 2.00 0.38 12.09
N GLN A 249 1.64 1.16 11.07
CA GLN A 249 2.60 1.60 10.08
C GLN A 249 3.75 2.34 10.73
N GLY A 250 3.44 3.27 11.62
CA GLY A 250 4.48 4.02 12.30
C GLY A 250 5.45 3.13 13.05
N GLY A 251 4.92 2.18 13.81
CA GLY A 251 5.79 1.29 14.57
C GLY A 251 6.65 0.41 13.68
N VAL A 252 6.02 -0.16 12.66
CA VAL A 252 6.71 -1.02 11.72
C VAL A 252 7.81 -0.25 10.99
N ARG A 253 7.50 0.96 10.55
CA ARG A 253 8.45 1.76 9.80
C ARG A 253 9.54 2.33 10.66
N LEU A 254 9.25 2.70 11.90
CA LEU A 254 10.31 3.13 12.80
C LEU A 254 11.33 2.01 12.97
N ALA A 255 10.85 0.78 13.24
CA ALA A 255 11.77 -0.33 13.40
C ALA A 255 12.55 -0.61 12.14
N ALA A 256 11.86 -0.62 10.99
CA ALA A 256 12.55 -0.93 9.75
C ALA A 256 13.62 0.09 9.43
N THR A 257 13.33 1.35 9.72
CA THR A 257 14.28 2.43 9.50
C THR A 257 15.50 2.30 10.41
N LEU A 258 15.27 2.09 11.71
CA LEU A 258 16.41 1.89 12.61
C LEU A 258 17.22 0.66 12.24
N ASN A 259 16.55 -0.41 11.82
CA ASN A 259 17.27 -1.60 11.40
C ASN A 259 18.19 -1.31 10.20
N ARG A 260 17.68 -0.56 9.23
CA ARG A 260 18.51 -0.17 8.08
C ARG A 260 19.67 0.72 8.51
N ILE A 261 19.40 1.71 9.36
CA ILE A 261 20.41 2.66 9.79
C ILE A 261 21.57 1.97 10.50
N PHE A 262 21.24 1.10 11.44
CA PHE A 262 22.27 0.51 12.27
C PHE A 262 22.88 -0.77 11.70
N GLY A 263 22.34 -1.26 10.60
CA GLY A 263 22.87 -2.42 9.90
C GLY A 263 23.81 -1.96 8.79
N HIS A 264 24.04 -2.73 7.87
N TRP B 1 -0.43 -10.28 -18.56
CA TRP B 1 -0.25 -11.71 -18.92
C TRP B 1 -0.49 -11.99 -20.37
N GLY B 2 0.11 -13.05 -20.86
CA GLY B 2 -0.28 -13.64 -22.14
C GLY B 2 -1.55 -14.46 -22.05
N LYS B 3 -1.80 -15.24 -23.07
CA LYS B 3 -3.06 -15.95 -23.21
C LYS B 3 -3.34 -16.86 -22.04
N GLU B 4 -2.34 -17.63 -21.65
CA GLU B 4 -2.53 -18.65 -20.63
C GLU B 4 -2.92 -18.01 -19.28
N GLY B 5 -2.21 -16.95 -18.90
CA GLY B 5 -2.50 -16.30 -17.64
C GLY B 5 -3.91 -15.76 -17.57
N HIS B 6 -4.34 -15.06 -18.62
CA HIS B 6 -5.70 -14.53 -18.64
C HIS B 6 -6.75 -15.65 -18.62
N GLU B 7 -6.49 -16.72 -19.37
CA GLU B 7 -7.43 -17.84 -19.37
C GLU B 7 -7.60 -18.42 -17.98
N ILE B 8 -6.48 -18.63 -17.30
CA ILE B 8 -6.50 -19.17 -15.95
C ILE B 8 -7.29 -18.28 -15.02
N ILE B 9 -7.01 -16.98 -15.04
CA ILE B 9 -7.68 -16.02 -14.17
C ILE B 9 -9.16 -16.04 -14.42
N CYS B 10 -9.57 -15.98 -15.68
CA CYS B 10 -10.97 -15.94 -15.99
C CYS B 10 -11.69 -17.26 -15.72
N LYS B 11 -11.01 -18.40 -15.90
CA LYS B 11 -11.62 -19.69 -15.55
C LYS B 11 -11.85 -19.81 -14.06
N ILE B 12 -10.87 -19.40 -13.27
CA ILE B 12 -11.04 -19.39 -11.83
C ILE B 12 -12.20 -18.47 -11.46
N ALA B 13 -12.19 -17.27 -12.02
CA ALA B 13 -13.22 -16.30 -11.67
C ALA B 13 -14.60 -16.78 -11.99
N GLN B 14 -14.81 -17.35 -13.17
CA GLN B 14 -16.18 -17.65 -13.59
C GLN B 14 -16.78 -18.72 -12.69
N THR B 15 -15.97 -19.64 -12.19
CA THR B 15 -16.47 -20.67 -11.28
C THR B 15 -16.75 -20.17 -9.85
N ARG B 16 -16.31 -18.96 -9.54
CA ARG B 16 -16.54 -18.34 -8.23
C ARG B 16 -17.62 -17.26 -8.24
N LEU B 17 -18.30 -17.10 -9.36
CA LEU B 17 -19.42 -16.16 -9.46
C LEU B 17 -20.63 -16.72 -8.73
N ASP B 18 -21.36 -15.81 -8.08
CA ASP B 18 -22.65 -16.16 -7.51
C ASP B 18 -23.70 -16.13 -8.62
N GLU B 19 -24.91 -16.58 -8.30
CA GLU B 19 -25.89 -16.81 -9.33
C GLU B 19 -26.22 -15.54 -10.14
N THR B 20 -26.39 -14.42 -9.45
CA THR B 20 -26.71 -13.17 -10.14
C THR B 20 -25.61 -12.71 -11.08
N ALA B 21 -24.37 -12.81 -10.62
CA ALA B 21 -23.24 -12.42 -11.47
C ALA B 21 -23.10 -13.39 -12.66
N ALA B 22 -23.30 -14.68 -12.40
CA ALA B 22 -23.15 -15.65 -13.45
C ALA B 22 -24.16 -15.38 -14.59
N LYS B 23 -25.37 -15.04 -14.20
CA LYS B 23 -26.43 -14.70 -15.15
C LYS B 23 -26.08 -13.44 -15.94
N ALA B 24 -25.65 -12.38 -15.26
CA ALA B 24 -25.28 -11.14 -15.94
C ALA B 24 -24.15 -11.36 -16.94
N VAL B 25 -23.15 -12.13 -16.54
CA VAL B 25 -22.05 -12.42 -17.45
C VAL B 25 -22.52 -13.20 -18.68
N LYS B 26 -23.35 -14.21 -18.49
CA LYS B 26 -23.90 -14.95 -19.65
C LYS B 26 -24.66 -14.02 -20.59
N GLU B 27 -25.41 -13.07 -20.02
CA GLU B 27 -26.21 -12.13 -20.82
C GLU B 27 -25.32 -11.14 -21.58
N LEU B 28 -24.25 -10.66 -20.94
CA LEU B 28 -23.37 -9.67 -21.55
C LEU B 28 -22.32 -10.26 -22.50
N LEU B 29 -21.99 -11.53 -22.34
CA LEU B 29 -21.14 -12.20 -23.30
C LEU B 29 -21.88 -12.40 -24.63
N PRO B 30 -21.17 -12.29 -25.75
CA PRO B 30 -21.84 -12.58 -27.02
C PRO B 30 -22.13 -14.05 -27.17
N GLU B 31 -23.14 -14.37 -27.98
CA GLU B 31 -23.57 -15.74 -28.22
C GLU B 31 -22.38 -16.63 -28.62
N SER B 32 -21.48 -16.06 -29.43
CA SER B 32 -20.32 -16.77 -29.95
C SER B 32 -19.38 -17.28 -28.87
N ALA B 33 -19.42 -16.69 -27.67
CA ALA B 33 -18.61 -17.13 -26.54
C ALA B 33 -19.06 -18.45 -25.94
N GLU B 34 -20.30 -18.86 -26.23
CA GLU B 34 -20.85 -20.10 -25.70
C GLU B 34 -20.78 -20.11 -24.17
N GLY B 35 -20.98 -18.94 -23.56
CA GLY B 35 -21.06 -18.83 -22.12
C GLY B 35 -19.74 -18.76 -21.38
N ASP B 36 -18.61 -18.84 -22.12
CA ASP B 36 -17.28 -18.98 -21.48
C ASP B 36 -16.53 -17.64 -21.45
N LEU B 37 -16.45 -17.04 -20.27
CA LEU B 37 -15.76 -15.78 -20.11
C LEU B 37 -14.31 -15.89 -20.57
N SER B 38 -13.66 -17.01 -20.25
CA SER B 38 -12.27 -17.19 -20.58
C SER B 38 -11.99 -17.18 -22.07
N SER B 39 -13.00 -17.43 -22.91
CA SER B 39 -12.79 -17.38 -24.34
C SER B 39 -12.56 -15.96 -24.86
N LEU B 40 -12.83 -14.94 -24.04
CA LEU B 40 -12.68 -13.55 -24.44
C LEU B 40 -11.80 -12.73 -23.51
N CYS B 41 -11.06 -13.40 -22.64
CA CYS B 41 -10.25 -12.61 -21.70
C CYS B 41 -8.96 -12.07 -22.27
N LEU B 42 -8.69 -12.33 -23.56
CA LEU B 42 -7.62 -11.66 -24.30
C LEU B 42 -8.12 -10.59 -25.28
N TRP B 43 -9.43 -10.39 -25.35
CA TRP B 43 -10.00 -9.45 -26.31
C TRP B 43 -9.34 -8.08 -26.19
N ALA B 44 -9.11 -7.61 -24.96
CA ALA B 44 -8.56 -6.28 -24.82
C ALA B 44 -7.18 -6.16 -25.47
N ASP B 45 -6.38 -7.22 -25.45
CA ASP B 45 -5.06 -7.11 -26.06
C ASP B 45 -5.17 -6.88 -27.61
N ARG B 46 -6.25 -7.38 -28.20
CA ARG B 46 -6.48 -7.32 -29.66
C ARG B 46 -6.97 -5.94 -30.14
N VAL B 47 -7.33 -5.04 -29.18
CA VAL B 47 -7.75 -3.69 -29.53
C VAL B 47 -6.79 -2.59 -29.03
N LYS B 48 -5.55 -2.97 -28.72
CA LYS B 48 -4.52 -1.99 -28.38
C LYS B 48 -4.29 -0.92 -29.42
N PHE B 49 -4.50 -1.24 -30.69
CA PHE B 49 -4.36 -0.23 -31.77
C PHE B 49 -5.68 0.11 -32.44
N ARG B 50 -6.57 -0.84 -32.57
CA ARG B 50 -7.94 -0.55 -32.97
C ARG B 50 -8.58 0.52 -32.09
N TYR B 51 -8.29 0.46 -30.79
CA TYR B 51 -8.64 1.51 -29.81
C TYR B 51 -7.33 1.98 -29.16
N HIS B 52 -6.61 2.89 -29.81
CA HIS B 52 -5.27 3.28 -29.37
C HIS B 52 -5.28 3.88 -27.95
N TRP B 53 -6.38 4.55 -27.63
CA TRP B 53 -6.60 5.10 -26.31
C TRP B 53 -6.57 4.05 -25.19
N SER B 54 -6.73 2.79 -25.56
CA SER B 54 -6.77 1.71 -24.58
C SER B 54 -5.40 1.15 -24.20
N SER B 55 -4.35 1.41 -24.96
CA SER B 55 -3.08 0.73 -24.72
C SER B 55 -2.44 1.05 -23.38
N PRO B 56 -2.51 2.31 -22.96
CA PRO B 56 -1.93 2.62 -21.63
C PRO B 56 -2.71 2.01 -20.46
N LEU B 57 -3.92 1.54 -20.72
CA LEU B 57 -4.80 1.03 -19.69
C LEU B 57 -4.40 -0.37 -19.22
N HIS B 58 -3.40 -1.00 -19.86
CA HIS B 58 -2.99 -2.34 -19.49
C HIS B 58 -1.96 -2.36 -18.34
N TYR B 59 -1.38 -1.22 -17.99
CA TYR B 59 -0.25 -1.24 -17.06
C TYR B 59 -0.18 0.06 -16.26
N ILE B 60 0.82 0.12 -15.38
CA ILE B 60 1.18 1.28 -14.58
C ILE B 60 2.70 1.43 -14.63
N ASN B 61 3.18 2.62 -14.94
CA ASN B 61 4.60 2.93 -14.87
C ASN B 61 4.89 3.69 -13.57
N THR B 62 5.91 3.25 -12.86
CA THR B 62 6.37 3.92 -11.64
C THR B 62 7.81 4.40 -11.80
N PRO B 63 8.26 5.26 -10.89
CA PRO B 63 9.69 5.60 -10.81
C PRO B 63 10.51 4.36 -10.41
N ASP B 64 11.84 4.47 -10.47
CA ASP B 64 12.73 3.41 -9.97
C ASP B 64 12.71 3.32 -8.44
N ALA B 65 11.61 2.81 -7.91
CA ALA B 65 11.45 2.57 -6.48
C ALA B 65 10.31 1.57 -6.34
N CYS B 66 10.08 1.10 -5.11
CA CYS B 66 9.22 -0.04 -4.86
C CYS B 66 7.94 0.40 -4.17
N SER B 67 7.28 1.34 -4.81
CA SER B 67 6.10 1.94 -4.30
C SER B 67 5.21 2.39 -5.45
N TYR B 68 3.89 2.38 -5.20
CA TYR B 68 2.93 2.86 -6.14
C TYR B 68 1.97 3.81 -5.47
N GLN B 69 1.72 4.95 -6.10
CA GLN B 69 0.72 5.92 -5.68
C GLN B 69 -0.18 6.27 -6.87
N TYR B 70 -1.49 6.16 -6.71
CA TYR B 70 -2.42 6.49 -7.77
C TYR B 70 -2.17 7.89 -8.34
N ASN B 71 -2.16 8.88 -7.46
CA ASN B 71 -2.06 10.25 -7.92
C ASN B 71 -0.76 10.51 -8.68
N ARG B 72 0.34 9.87 -8.30
CA ARG B 72 1.61 10.06 -8.95
C ARG B 72 1.72 9.25 -10.24
N ASP B 73 1.24 8.01 -10.22
CA ASP B 73 1.58 7.00 -11.23
C ASP B 73 0.44 6.68 -12.21
N CYS B 74 -0.82 6.91 -11.81
CA CYS B 74 -1.91 6.55 -12.71
C CYS B 74 -2.16 7.66 -13.71
N LYS B 75 -1.41 7.60 -14.79
CA LYS B 75 -1.56 8.56 -15.88
C LYS B 75 -0.82 8.05 -17.09
N ASP B 76 -1.23 8.51 -18.25
CA ASP B 76 -0.63 8.01 -19.48
C ASP B 76 0.54 8.92 -19.88
N GLU B 77 1.03 8.76 -21.12
CA GLU B 77 2.18 9.50 -21.57
C GLU B 77 1.92 11.00 -21.76
N SER B 78 0.65 11.41 -21.85
CA SER B 78 0.31 12.83 -21.85
C SER B 78 0.00 13.37 -20.45
N GLY B 79 0.17 12.54 -19.43
CA GLY B 79 -0.11 12.94 -18.06
C GLY B 79 -1.60 12.95 -17.70
N GLU B 80 -2.44 12.40 -18.58
CA GLU B 80 -3.89 12.41 -18.32
C GLU B 80 -4.25 11.44 -17.19
N LYS B 81 -4.75 12.00 -16.10
CA LYS B 81 -4.92 11.26 -14.86
C LYS B 81 -5.93 10.16 -15.02
N GLY B 82 -5.63 8.98 -14.45
CA GLY B 82 -6.59 7.88 -14.54
C GLY B 82 -6.33 6.89 -15.65
N ARG B 83 -5.46 7.24 -16.58
CA ARG B 83 -5.24 6.40 -17.75
C ARG B 83 -4.09 5.41 -17.50
N CYS B 84 -4.43 4.41 -16.68
CA CYS B 84 -3.55 3.28 -16.31
C CYS B 84 -4.47 2.16 -15.89
N VAL B 85 -3.93 0.97 -15.64
CA VAL B 85 -4.80 -0.17 -15.38
C VAL B 85 -5.72 0.00 -14.16
N ALA B 86 -5.22 0.64 -13.10
CA ALA B 86 -6.05 0.94 -11.94
C ALA B 86 -7.23 1.85 -12.32
N GLY B 87 -6.94 2.93 -13.00
CA GLY B 87 -7.96 3.87 -13.46
C GLY B 87 -8.96 3.22 -14.40
N ALA B 88 -8.49 2.31 -15.25
CA ALA B 88 -9.37 1.56 -16.12
C ALA B 88 -10.31 0.66 -15.34
N ILE B 89 -9.79 0.00 -14.31
CA ILE B 89 -10.65 -0.84 -13.49
C ILE B 89 -11.74 0.00 -12.82
N TYR B 90 -11.39 1.14 -12.27
CA TYR B 90 -12.42 2.01 -11.70
C TYR B 90 -13.47 2.38 -12.76
N ASN B 91 -13.00 2.75 -13.94
CA ASN B 91 -13.89 3.14 -15.04
C ASN B 91 -14.90 2.07 -15.41
N TYR B 92 -14.38 0.91 -15.75
CA TYR B 92 -15.22 -0.14 -16.30
C TYR B 92 -16.07 -0.82 -15.24
N THR B 93 -15.60 -0.89 -13.99
CA THR B 93 -16.46 -1.40 -12.94
C THR B 93 -17.64 -0.43 -12.70
N THR B 94 -17.36 0.87 -12.72
CA THR B 94 -18.40 1.87 -12.55
C THR B 94 -19.42 1.73 -13.67
N GLN B 95 -18.96 1.57 -14.90
CA GLN B 95 -19.88 1.38 -16.02
C GLN B 95 -20.80 0.19 -15.83
N LEU B 96 -20.26 -0.93 -15.35
CA LEU B 96 -21.06 -2.14 -15.17
C LEU B 96 -22.12 -1.98 -14.07
N LEU B 97 -21.92 -1.05 -13.14
CA LEU B 97 -22.95 -0.72 -12.16
C LEU B 97 -24.26 -0.28 -12.80
N SER B 98 -24.19 0.20 -14.03
CA SER B 98 -25.35 0.64 -14.81
C SER B 98 -26.15 -0.50 -15.46
N TYR B 99 -25.71 -1.75 -15.33
CA TYR B 99 -26.42 -2.87 -15.91
C TYR B 99 -27.81 -2.98 -15.30
N LYS B 100 -28.81 -3.03 -16.19
CA LYS B 100 -30.22 -3.07 -15.86
C LYS B 100 -30.76 -1.98 -14.92
N THR B 101 -30.16 -0.77 -14.93
CA THR B 101 -30.74 0.38 -14.20
C THR B 101 -31.55 1.27 -15.13
N SER B 107 -26.85 2.59 -20.60
CA SER B 107 -27.13 3.64 -21.55
C SER B 107 -26.07 3.70 -22.65
N GLN B 108 -25.15 4.66 -22.58
CA GLN B 108 -24.32 5.01 -23.73
C GLN B 108 -23.20 4.00 -23.92
N TYR B 109 -22.68 3.47 -22.80
CA TYR B 109 -21.53 2.58 -22.85
C TYR B 109 -21.89 1.17 -23.26
N ASN B 110 -20.97 0.52 -23.98
CA ASN B 110 -21.13 -0.87 -24.37
C ASN B 110 -20.67 -1.72 -23.18
N LEU B 111 -21.61 -2.36 -22.52
CA LEU B 111 -21.30 -3.08 -21.30
C LEU B 111 -20.68 -4.45 -21.54
N THR B 112 -20.81 -4.99 -22.76
CA THR B 112 -20.02 -6.15 -23.13
C THR B 112 -18.55 -5.77 -23.15
N GLU B 113 -18.20 -4.67 -23.79
CA GLU B 113 -16.82 -4.18 -23.74
C GLU B 113 -16.40 -3.93 -22.29
N ALA B 114 -17.26 -3.33 -21.48
CA ALA B 114 -16.87 -3.05 -20.10
C ALA B 114 -16.50 -4.35 -19.35
N LEU B 115 -17.30 -5.40 -19.55
CA LEU B 115 -17.01 -6.70 -18.94
C LEU B 115 -15.68 -7.27 -19.42
N LEU B 116 -15.45 -7.21 -20.71
CA LEU B 116 -14.22 -7.78 -21.28
C LEU B 116 -13.00 -6.99 -20.85
N PHE B 117 -13.14 -5.67 -20.77
CA PHE B 117 -12.06 -4.84 -20.27
C PHE B 117 -11.78 -5.11 -18.78
N VAL B 118 -12.80 -5.13 -17.95
CA VAL B 118 -12.53 -5.33 -16.54
C VAL B 118 -11.95 -6.70 -16.28
N SER B 119 -12.38 -7.72 -17.03
CA SER B 119 -11.89 -9.07 -16.88
C SER B 119 -10.39 -9.12 -17.20
N HIS B 120 -10.03 -8.54 -18.33
CA HIS B 120 -8.64 -8.53 -18.74
C HIS B 120 -7.78 -7.68 -17.81
N PHE B 121 -8.25 -6.48 -17.49
CA PHE B 121 -7.46 -5.56 -16.68
C PHE B 121 -7.32 -6.03 -15.23
N MET B 122 -8.33 -6.68 -14.68
CA MET B 122 -8.19 -7.30 -13.36
C MET B 122 -7.04 -8.33 -13.41
N GLY B 123 -6.89 -9.03 -14.52
CA GLY B 123 -5.75 -9.88 -14.70
C GLY B 123 -4.44 -9.13 -14.80
N ASP B 124 -4.37 -8.14 -15.69
CA ASP B 124 -3.13 -7.43 -15.90
C ASP B 124 -2.63 -6.73 -14.65
N ILE B 125 -3.51 -6.18 -13.81
CA ILE B 125 -3.09 -5.49 -12.61
C ILE B 125 -2.41 -6.43 -11.61
N HIS B 126 -2.58 -7.75 -11.82
CA HIS B 126 -1.92 -8.75 -11.00
C HIS B 126 -0.59 -9.27 -11.54
N GLN B 127 -0.24 -8.91 -12.78
CA GLN B 127 1.05 -9.31 -13.33
C GLN B 127 2.08 -8.31 -12.73
N PRO B 128 3.04 -8.78 -11.93
CA PRO B 128 3.91 -7.83 -11.25
C PRO B 128 4.55 -6.79 -12.16
N LEU B 129 5.01 -7.21 -13.33
CA LEU B 129 5.67 -6.31 -14.25
C LEU B 129 4.73 -5.42 -15.06
N HIS B 130 3.42 -5.52 -14.82
CA HIS B 130 2.48 -4.50 -15.27
C HIS B 130 2.34 -3.35 -14.27
N VAL B 131 3.05 -3.40 -13.13
CA VAL B 131 3.10 -2.28 -12.18
C VAL B 131 4.57 -2.20 -11.81
N SER B 132 5.35 -1.59 -12.69
CA SER B 132 6.78 -1.56 -12.51
C SER B 132 7.40 -0.38 -13.23
N TYR B 133 8.70 -0.41 -13.44
CA TYR B 133 9.44 0.77 -13.76
C TYR B 133 9.24 1.25 -15.19
N ALA B 134 8.91 2.52 -15.33
CA ALA B 134 8.97 3.16 -16.62
C ALA B 134 10.34 3.10 -17.24
N SER B 135 11.40 3.17 -16.44
CA SER B 135 12.78 3.21 -16.98
C SER B 135 13.21 1.97 -17.77
N ASP B 136 12.58 0.82 -17.51
CA ASP B 136 12.83 -0.40 -18.30
C ASP B 136 11.59 -0.92 -19.01
N LYS B 137 10.60 -0.05 -19.15
CA LYS B 137 9.33 -0.39 -19.79
C LYS B 137 8.74 -1.65 -19.18
N GLY B 138 8.66 -1.68 -17.86
CA GLY B 138 8.10 -2.83 -17.18
C GLY B 138 8.85 -4.12 -17.43
N GLY B 139 10.16 -4.01 -17.54
CA GLY B 139 11.00 -5.14 -17.82
C GLY B 139 11.12 -5.53 -19.28
N ASN B 140 10.40 -4.86 -20.17
CA ASN B 140 10.48 -5.16 -21.58
C ASN B 140 11.87 -4.93 -22.18
N THR B 141 12.65 -4.02 -21.61
CA THR B 141 13.97 -3.75 -22.15
C THR B 141 15.07 -4.55 -21.44
N ILE B 142 14.71 -5.43 -20.52
CA ILE B 142 15.70 -6.27 -19.83
C ILE B 142 15.79 -7.60 -20.57
N GLU B 143 16.83 -7.74 -21.38
CA GLU B 143 16.98 -8.92 -22.24
C GLU B 143 17.86 -9.95 -21.57
N VAL B 144 17.30 -11.13 -21.39
CA VAL B 144 17.95 -12.27 -20.70
C VAL B 144 17.72 -13.53 -21.52
N HIS B 145 18.05 -14.68 -20.98
CA HIS B 145 17.69 -15.96 -21.59
C HIS B 145 16.78 -16.68 -20.58
N TRP B 146 15.69 -17.23 -21.08
CA TRP B 146 14.87 -18.18 -20.35
C TRP B 146 15.34 -19.56 -20.80
N TYR B 147 16.13 -20.25 -19.98
CA TYR B 147 16.83 -21.44 -20.38
C TYR B 147 17.56 -21.13 -21.68
N THR B 148 17.22 -21.85 -22.75
CA THR B 148 17.96 -21.79 -24.00
C THR B 148 17.48 -20.70 -24.96
N ARG B 149 16.42 -19.96 -24.62
CA ARG B 149 15.88 -18.94 -25.51
C ARG B 149 16.08 -17.54 -25.02
N LYS B 150 16.41 -16.60 -25.93
CA LYS B 150 16.41 -15.19 -25.56
C LYS B 150 14.97 -14.73 -25.28
N ALA B 151 14.79 -13.96 -24.21
CA ALA B 151 13.51 -13.38 -23.90
C ALA B 151 13.72 -12.17 -23.03
N ASN B 152 12.80 -11.22 -23.10
CA ASN B 152 12.87 -10.13 -22.14
C ASN B 152 12.10 -10.51 -20.88
N LEU B 153 12.45 -9.82 -19.79
CA LEU B 153 11.94 -10.18 -18.47
C LEU B 153 10.41 -10.03 -18.41
N HIS B 154 9.88 -9.01 -19.05
CA HIS B 154 8.45 -8.81 -19.07
C HIS B 154 7.73 -10.03 -19.66
N HIS B 155 8.22 -10.49 -20.79
CA HIS B 155 7.64 -11.63 -21.47
C HIS B 155 7.74 -12.90 -20.61
N ILE B 156 8.85 -13.03 -19.89
CA ILE B 156 9.00 -14.18 -19.00
C ILE B 156 7.86 -14.21 -17.98
N TRP B 157 7.50 -13.06 -17.42
CA TRP B 157 6.40 -12.96 -16.47
C TRP B 157 5.04 -13.06 -17.13
N ASP B 158 4.87 -12.50 -18.32
CA ASP B 158 3.58 -12.64 -19.01
C ASP B 158 3.30 -14.11 -19.37
N SER B 159 4.33 -14.80 -19.85
CA SER B 159 4.14 -16.11 -20.46
C SER B 159 5.10 -17.22 -20.07
N ASN B 160 6.40 -16.99 -20.12
CA ASN B 160 7.33 -18.11 -20.07
C ASN B 160 7.25 -18.94 -18.78
N ILE B 161 7.09 -18.28 -17.62
CA ILE B 161 7.02 -19.02 -16.38
C ILE B 161 5.80 -19.94 -16.34
N ILE B 162 4.65 -19.42 -16.73
CA ILE B 162 3.43 -20.22 -16.76
C ILE B 162 3.58 -21.41 -17.74
N GLU B 163 4.08 -21.12 -18.93
CA GLU B 163 4.20 -22.19 -19.93
C GLU B 163 5.19 -23.26 -19.51
N THR B 164 6.28 -22.87 -18.87
CA THR B 164 7.28 -23.83 -18.41
C THR B 164 6.68 -24.68 -17.30
N ALA B 165 5.91 -24.06 -16.40
CA ALA B 165 5.22 -24.83 -15.38
C ALA B 165 4.20 -25.80 -16.00
N GLU B 166 3.45 -25.34 -16.98
CA GLU B 166 2.53 -26.21 -17.71
C GLU B 166 3.23 -27.48 -18.23
N ALA B 167 4.39 -27.29 -18.82
CA ALA B 167 5.16 -28.36 -19.42
C ALA B 167 5.82 -29.23 -18.38
N ASP B 168 6.13 -28.66 -17.22
CA ASP B 168 6.84 -29.39 -16.17
C ASP B 168 5.90 -30.41 -15.47
N LEU B 169 4.69 -29.96 -15.17
CA LEU B 169 3.81 -30.71 -14.31
C LEU B 169 2.46 -31.04 -14.95
N TYR B 170 2.01 -30.24 -15.92
CA TYR B 170 0.60 -30.30 -16.33
C TYR B 170 0.46 -30.64 -17.82
N ASN B 171 1.46 -31.32 -18.36
CA ASN B 171 1.40 -31.77 -19.74
C ASN B 171 1.09 -30.65 -20.73
N SER B 172 1.75 -29.50 -20.58
CA SER B 172 1.68 -28.38 -21.55
C SER B 172 0.27 -27.82 -21.80
N ALA B 173 -0.63 -28.03 -20.84
CA ALA B 173 -1.99 -27.45 -20.85
C ALA B 173 -2.34 -26.80 -19.49
N LEU B 174 -3.29 -25.85 -19.54
CA LEU B 174 -3.64 -25.09 -18.37
C LEU B 174 -4.68 -25.76 -17.43
N GLU B 175 -5.35 -26.82 -17.88
CA GLU B 175 -6.42 -27.45 -17.05
C GLU B 175 -5.93 -28.01 -15.69
N GLY B 176 -4.81 -28.70 -15.74
CA GLY B 176 -4.19 -29.18 -14.51
C GLY B 176 -3.72 -28.07 -13.59
N MET B 177 -3.12 -27.02 -14.14
CA MET B 177 -2.75 -25.85 -13.36
C MET B 177 -3.97 -25.16 -12.78
N VAL B 178 -5.04 -24.99 -13.55
CA VAL B 178 -6.25 -24.36 -13.03
C VAL B 178 -6.81 -25.17 -11.86
N ASP B 179 -6.90 -26.49 -12.03
CA ASP B 179 -7.44 -27.31 -10.96
C ASP B 179 -6.55 -27.23 -9.70
N ALA B 180 -5.25 -27.17 -9.86
CA ALA B 180 -4.32 -27.08 -8.70
C ALA B 180 -4.46 -25.74 -8.01
N LEU B 181 -4.63 -24.66 -8.79
CA LEU B 181 -4.86 -23.35 -8.20
C LEU B 181 -6.17 -23.31 -7.42
N LYS B 182 -7.23 -23.86 -8.02
CA LYS B 182 -8.52 -23.94 -7.31
C LYS B 182 -8.42 -24.76 -6.04
N LYS B 183 -7.70 -25.88 -6.10
CA LYS B 183 -7.49 -26.72 -4.95
C LYS B 183 -6.84 -25.93 -3.82
N ASN B 184 -5.80 -25.18 -4.15
CA ASN B 184 -5.10 -24.41 -3.15
C ASN B 184 -5.92 -23.26 -2.58
N ILE B 185 -6.70 -22.62 -3.43
CA ILE B 185 -7.62 -21.57 -2.98
C ILE B 185 -8.54 -22.10 -1.87
N THR B 186 -8.98 -23.36 -2.03
CA THR B 186 -9.86 -23.97 -1.04
C THR B 186 -9.11 -24.50 0.19
N THR B 187 -7.99 -25.19 -0.01
CA THR B 187 -7.41 -25.99 1.08
C THR B 187 -6.11 -25.50 1.67
N GLU B 188 -5.41 -24.61 0.99
CA GLU B 188 -4.10 -24.11 1.43
C GLU B 188 -4.14 -22.64 1.81
N TRP B 189 -4.91 -21.87 1.05
CA TRP B 189 -4.90 -20.42 1.16
C TRP B 189 -6.23 -19.82 1.57
N ALA B 190 -7.10 -20.62 2.18
CA ALA B 190 -8.43 -20.16 2.52
C ALA B 190 -8.47 -18.84 3.29
N ASP B 191 -7.64 -18.74 4.32
CA ASP B 191 -7.53 -17.54 5.15
C ASP B 191 -7.20 -16.31 4.27
N GLN B 192 -6.15 -16.47 3.46
CA GLN B 192 -5.68 -15.42 2.57
C GLN B 192 -6.77 -14.99 1.57
N VAL B 193 -7.46 -16.00 1.01
CA VAL B 193 -8.49 -15.72 0.01
C VAL B 193 -9.54 -14.74 0.56
N LYS B 194 -9.91 -14.94 1.83
CA LYS B 194 -10.89 -14.03 2.43
C LYS B 194 -10.38 -12.60 2.44
N ARG B 195 -9.10 -12.41 2.71
CA ARG B 195 -8.51 -11.08 2.65
C ARG B 195 -8.42 -10.55 1.21
N TRP B 196 -8.10 -11.43 0.28
CA TRP B 196 -8.04 -10.99 -1.12
C TRP B 196 -9.37 -10.42 -1.59
N GLU B 197 -10.47 -11.03 -1.16
CA GLU B 197 -11.81 -10.62 -1.59
C GLU B 197 -12.31 -9.35 -0.94
N THR B 198 -11.77 -8.98 0.23
CA THR B 198 -12.25 -7.86 0.98
C THR B 198 -11.92 -6.54 0.29
N CYS B 199 -12.91 -5.66 0.14
CA CYS B 199 -12.75 -4.38 -0.52
C CYS B 199 -13.92 -3.56 -0.07
N THR B 200 -13.62 -2.42 0.55
CA THR B 200 -14.61 -1.49 1.15
C THR B 200 -15.12 -0.38 0.21
N LYS B 201 -15.53 -0.75 -1.01
CA LYS B 201 -16.15 0.23 -1.92
C LYS B 201 -16.92 -0.47 -3.03
N THR B 203 -17.21 -1.07 -5.68
CA THR B 203 -16.71 -1.66 -6.91
C THR B 203 -15.45 -2.50 -6.60
N ALA B 204 -14.29 -1.89 -6.69
CA ALA B 204 -13.03 -2.61 -6.67
C ALA B 204 -11.97 -1.82 -5.96
N CYS B 205 -10.88 -2.55 -5.63
CA CYS B 205 -9.73 -1.99 -4.87
C CYS B 205 -8.40 -2.11 -5.65
N PRO B 206 -8.36 -1.55 -6.87
CA PRO B 206 -7.19 -1.74 -7.69
C PRO B 206 -5.90 -1.22 -7.12
N ASP B 207 -5.94 -0.17 -6.32
CA ASP B 207 -4.69 0.39 -5.79
C ASP B 207 -3.98 -0.61 -4.86
N ILE B 208 -4.76 -1.39 -4.16
CA ILE B 208 -4.22 -2.43 -3.31
C ILE B 208 -3.48 -3.46 -4.15
N TYR B 209 -4.05 -3.82 -5.30
CA TYR B 209 -3.49 -4.86 -6.16
C TYR B 209 -2.21 -4.38 -6.82
N ALA B 210 -2.20 -3.12 -7.22
CA ALA B 210 -1.04 -2.52 -7.82
C ALA B 210 0.12 -2.41 -6.83
N SER B 211 -0.19 -2.03 -5.59
CA SER B 211 0.84 -1.94 -4.54
C SER B 211 1.49 -3.27 -4.26
N GLU B 212 0.71 -4.34 -4.24
CA GLU B 212 1.26 -5.70 -4.13
C GLU B 212 2.14 -6.01 -5.30
N GLY B 213 1.71 -5.60 -6.50
CA GLY B 213 2.39 -5.91 -7.74
C GLY B 213 3.80 -5.33 -7.82
N ILE B 214 3.94 -4.05 -7.51
CA ILE B 214 5.26 -3.46 -7.52
C ILE B 214 6.16 -4.08 -6.46
N GLN B 215 5.60 -4.45 -5.32
CA GLN B 215 6.37 -5.14 -4.29
C GLN B 215 6.90 -6.46 -4.82
N ALA B 216 6.05 -7.21 -5.53
CA ALA B 216 6.47 -8.46 -6.16
C ALA B 216 7.50 -8.21 -7.27
N ALA B 217 7.32 -7.13 -8.02
CA ALA B 217 8.30 -6.79 -9.04
C ALA B 217 9.66 -6.63 -8.45
N CYS B 218 9.74 -5.92 -7.33
CA CYS B 218 11.03 -5.67 -6.71
C CYS B 218 11.61 -6.89 -6.03
N ASP B 219 10.78 -7.65 -5.34
CA ASP B 219 11.25 -8.75 -4.50
C ASP B 219 11.50 -10.03 -5.29
N TRP B 220 10.78 -10.21 -6.40
CA TRP B 220 10.82 -11.44 -7.14
C TRP B 220 11.17 -11.30 -8.61
N ALA B 221 10.60 -10.35 -9.31
CA ALA B 221 10.81 -10.29 -10.76
C ALA B 221 12.16 -9.70 -11.13
N TYR B 222 12.40 -8.46 -10.71
CA TYR B 222 13.65 -7.79 -10.98
C TYR B 222 14.81 -8.36 -10.15
N LYS B 223 14.49 -8.89 -8.97
CA LYS B 223 15.48 -9.23 -7.96
C LYS B 223 16.48 -10.23 -8.50
N GLY B 224 17.76 -9.86 -8.42
CA GLY B 224 18.84 -10.75 -8.82
C GLY B 224 19.11 -10.82 -10.31
N VAL B 225 18.34 -10.09 -11.13
CA VAL B 225 18.43 -10.21 -12.57
C VAL B 225 19.24 -9.08 -13.14
N THR B 226 20.21 -9.47 -13.99
CA THR B 226 21.03 -8.52 -14.74
C THR B 226 20.88 -8.84 -16.23
N GLU B 227 20.85 -7.80 -17.04
CA GLU B 227 20.87 -7.90 -18.49
C GLU B 227 21.87 -9.00 -18.89
N GLY B 228 21.44 -9.94 -19.75
CA GLY B 228 22.31 -10.99 -20.23
C GLY B 228 22.32 -12.28 -19.41
N ASP B 229 21.71 -12.27 -18.23
CA ASP B 229 21.66 -13.47 -17.39
C ASP B 229 20.92 -14.61 -18.08
N THR B 230 21.24 -15.83 -17.69
CA THR B 230 20.43 -17.00 -18.04
C THR B 230 19.64 -17.39 -16.81
N LEU B 231 18.31 -17.29 -16.93
CA LEU B 231 17.39 -17.71 -15.91
C LEU B 231 16.96 -19.12 -16.24
N GLU B 232 17.10 -19.99 -15.24
CA GLU B 232 16.86 -21.40 -15.41
C GLU B 232 16.12 -21.92 -14.16
N ASP B 233 16.37 -23.17 -13.78
CA ASP B 233 15.66 -23.79 -12.66
C ASP B 233 15.64 -22.94 -11.39
N GLU B 234 16.76 -22.37 -10.99
CA GLU B 234 16.77 -21.67 -9.68
C GLU B 234 15.74 -20.54 -9.68
N TYR B 235 15.77 -19.73 -10.73
CA TYR B 235 14.82 -18.62 -10.86
C TYR B 235 13.39 -19.14 -11.02
N PHE B 236 13.23 -20.11 -11.90
CA PHE B 236 11.92 -20.67 -12.20
C PHE B 236 11.25 -21.21 -10.95
N TYR B 237 11.90 -22.09 -10.21
CA TYR B 237 11.28 -22.69 -9.07
C TYR B 237 11.02 -21.70 -7.95
N SER B 238 11.89 -20.72 -7.80
CA SER B 238 11.71 -19.76 -6.74
C SER B 238 10.60 -18.73 -7.04
N ARG B 239 10.38 -18.41 -8.32
CA ARG B 239 9.40 -17.42 -8.72
C ARG B 239 8.03 -18.03 -9.03
N LEU B 240 7.96 -19.33 -9.28
CA LEU B 240 6.70 -19.95 -9.62
C LEU B 240 5.61 -19.71 -8.56
N PRO B 241 5.94 -19.86 -7.25
CA PRO B 241 4.91 -19.66 -6.26
C PRO B 241 4.27 -18.27 -6.29
N ILE B 242 5.05 -17.25 -6.62
CA ILE B 242 4.57 -15.89 -6.70
C ILE B 242 3.63 -15.74 -7.92
N VAL B 243 4.01 -16.36 -9.03
CA VAL B 243 3.13 -16.37 -10.18
C VAL B 243 1.79 -17.04 -9.81
N TYR B 244 1.85 -18.22 -9.17
CA TYR B 244 0.63 -18.88 -8.74
C TYR B 244 -0.22 -17.96 -7.85
N GLN B 245 0.43 -17.30 -6.88
CA GLN B 245 -0.28 -16.39 -5.99
C GLN B 245 -1.02 -15.30 -6.78
N ARG B 246 -0.32 -14.67 -7.72
CA ARG B 246 -0.92 -13.57 -8.46
C ARG B 246 -2.04 -14.00 -9.38
N LEU B 247 -1.92 -15.19 -9.99
CA LEU B 247 -2.99 -15.73 -10.81
C LEU B 247 -4.23 -16.04 -9.95
N ALA B 248 -4.00 -16.66 -8.79
CA ALA B 248 -5.09 -16.97 -7.89
C ALA B 248 -5.76 -15.70 -7.37
N GLN B 249 -4.96 -14.71 -6.97
CA GLN B 249 -5.49 -13.43 -6.54
C GLN B 249 -6.34 -12.80 -7.64
N GLY B 250 -5.80 -12.80 -8.86
CA GLY B 250 -6.55 -12.21 -9.97
C GLY B 250 -7.91 -12.87 -10.17
N GLY B 251 -7.94 -14.20 -10.16
CA GLY B 251 -9.19 -14.91 -10.34
C GLY B 251 -10.19 -14.66 -9.23
N VAL B 252 -9.69 -14.74 -8.00
CA VAL B 252 -10.52 -14.52 -6.82
C VAL B 252 -11.08 -13.10 -6.84
N ARG B 253 -10.25 -12.12 -7.15
CA ARG B 253 -10.67 -10.74 -7.11
C ARG B 253 -11.55 -10.37 -8.28
N LEU B 254 -11.32 -10.94 -9.45
CA LEU B 254 -12.23 -10.72 -10.56
C LEU B 254 -13.63 -11.19 -10.19
N ALA B 255 -13.74 -12.41 -9.64
CA ALA B 255 -15.04 -12.92 -9.25
C ALA B 255 -15.68 -12.04 -8.16
N ALA B 256 -14.91 -11.69 -7.14
CA ALA B 256 -15.47 -10.93 -6.04
C ALA B 256 -15.98 -9.57 -6.52
N THR B 257 -15.25 -8.96 -7.43
CA THR B 257 -15.63 -7.68 -7.99
C THR B 257 -16.90 -7.79 -8.83
N LEU B 258 -16.97 -8.77 -9.72
CA LEU B 258 -18.21 -8.96 -10.49
C LEU B 258 -19.39 -9.30 -9.58
N ASN B 259 -19.16 -10.08 -8.54
CA ASN B 259 -20.22 -10.39 -7.61
C ASN B 259 -20.76 -9.12 -6.94
N ARG B 260 -19.86 -8.24 -6.51
CA ARG B 260 -20.29 -6.97 -5.92
C ARG B 260 -21.03 -6.11 -6.93
N ILE B 261 -20.51 -6.01 -8.15
CA ILE B 261 -21.10 -5.15 -9.17
C ILE B 261 -22.52 -5.57 -9.51
N PHE B 262 -22.72 -6.86 -9.72
CA PHE B 262 -24.01 -7.33 -10.20
C PHE B 262 -25.00 -7.68 -9.10
N GLY B 263 -24.54 -7.63 -7.86
CA GLY B 263 -25.41 -7.81 -6.68
C GLY B 263 -26.02 -6.49 -6.22
N HIS B 264 -26.84 -5.84 -6.89
C1 NAG C . 19.03 18.66 11.78
C2 NAG C . 18.04 19.85 11.78
C3 NAG C . 18.80 21.04 12.29
C4 NAG C . 19.35 20.75 13.70
C5 NAG C . 20.06 19.39 13.76
C6 NAG C . 20.49 18.96 15.17
C7 NAG C . 16.23 19.69 10.04
C8 NAG C . 15.51 18.68 10.83
N2 NAG C . 17.40 20.19 10.50
O3 NAG C . 17.94 22.17 12.30
O4 NAG C . 20.38 21.69 13.86
O5 NAG C . 19.37 18.34 13.10
O6 NAG C . 19.38 18.94 16.04
O7 NAG C . 15.73 20.02 8.93
C1 NAG C . 19.98 22.84 14.60
C2 NAG C . 21.20 23.40 15.33
C3 NAG C . 20.79 24.63 16.17
C4 NAG C . 20.18 25.65 15.24
C5 NAG C . 19.08 25.02 14.37
C6 NAG C . 18.61 26.03 13.33
C7 NAG C . 23.00 21.79 15.84
C8 NAG C . 23.66 20.88 16.85
N2 NAG C . 21.89 22.46 16.21
O3 NAG C . 21.91 25.19 16.87
O4 NAG C . 19.61 26.73 15.95
O5 NAG C . 19.50 23.83 13.73
O6 NAG C . 17.69 25.41 12.49
O7 NAG C . 23.47 21.86 14.70
C1 BMA C . 20.34 27.96 15.76
C2 BMA C . 19.42 29.13 16.06
C3 BMA C . 20.19 30.45 15.94
C4 BMA C . 21.48 30.39 16.73
C5 BMA C . 22.29 29.14 16.36
C6 BMA C . 23.60 29.12 17.14
O2 BMA C . 18.89 29.00 17.36
O3 BMA C . 19.39 31.55 16.36
O4 BMA C . 22.23 31.55 16.48
O5 BMA C . 21.47 28.00 16.62
O6 BMA C . 23.90 27.87 17.72
C1 MAN C . 19.08 32.41 15.24
C2 MAN C . 18.30 33.65 15.72
C3 MAN C . 16.81 33.36 15.96
C4 MAN C . 16.18 32.67 14.74
C5 MAN C . 17.02 31.43 14.38
C6 MAN C . 16.53 30.73 13.11
O2 MAN C . 18.46 34.63 14.72
O3 MAN C . 16.06 34.53 16.27
O4 MAN C . 14.82 32.35 14.99
O5 MAN C . 18.39 31.73 14.20
O6 MAN C . 16.78 29.32 13.19
C1 NAG D . 22.65 14.64 24.24
C2 NAG D . 23.41 15.18 25.45
C3 NAG D . 22.80 14.73 26.77
C4 NAG D . 21.34 15.19 26.75
C5 NAG D . 20.63 14.72 25.48
C6 NAG D . 19.20 15.25 25.40
C7 NAG D . 25.73 15.91 25.17
C8 NAG D . 25.33 17.35 25.05
N2 NAG D . 24.84 14.95 25.36
O3 NAG D . 23.48 15.41 27.81
O4 NAG D . 20.70 14.67 27.89
O5 NAG D . 21.31 15.10 24.32
O6 NAG D . 19.24 16.64 25.20
O7 NAG D . 26.92 15.65 25.10
C1 NAG D . 20.11 15.71 28.69
C2 NAG D . 19.13 15.06 29.66
C3 NAG D . 18.65 15.99 30.77
C4 NAG D . 19.65 17.06 31.23
C5 NAG D . 20.56 17.54 30.10
C6 NAG D . 21.70 18.40 30.64
C7 NAG D . 17.92 13.21 28.56
C8 NAG D . 16.73 12.75 27.76
N2 NAG D . 18.00 14.50 28.90
O3 NAG D . 18.32 15.21 31.89
O4 NAG D . 18.99 18.16 31.83
O5 NAG D . 21.08 16.41 29.43
O6 NAG D . 22.73 17.58 31.17
O7 NAG D . 18.77 12.37 28.86
C1 NAG E . -13.62 4.54 -19.85
C2 NAG E . -12.25 4.93 -20.44
C3 NAG E . -12.57 5.82 -21.63
C4 NAG E . -13.44 5.06 -22.64
C5 NAG E . -14.62 4.38 -21.93
C6 NAG E . -15.29 3.36 -22.85
C7 NAG E . -10.44 5.02 -18.68
C8 NAG E . -10.29 3.56 -18.64
N2 NAG E . -11.34 5.61 -19.51
O3 NAG E . -11.40 6.34 -22.23
O4 NAG E . -14.04 5.98 -23.53
O5 NAG E . -14.23 3.70 -20.77
O6 NAG E . -14.30 2.50 -23.37
O7 NAG E . -9.72 5.68 -17.91
C1 NAG E . -13.24 6.22 -24.70
C2 NAG E . -14.23 6.71 -25.76
C3 NAG E . -13.55 7.16 -27.04
C4 NAG E . -12.41 8.14 -26.78
C5 NAG E . -11.54 7.61 -25.62
C6 NAG E . -10.51 8.65 -25.21
C7 NAG E . -16.49 5.82 -25.50
C8 NAG E . -17.54 4.80 -25.84
N2 NAG E . -15.25 5.72 -26.04
O3 NAG E . -14.41 7.58 -28.10
O4 NAG E . -11.59 8.22 -27.94
O5 NAG E . -12.28 7.21 -24.45
O6 NAG E . -9.74 8.09 -24.15
O7 NAG E . -16.78 6.68 -24.71
C1 BMA E . -11.66 9.51 -28.55
C2 BMA E . -10.35 9.82 -29.29
C3 BMA E . -10.48 11.09 -30.14
C4 BMA E . -11.71 10.97 -31.03
C5 BMA E . -12.97 10.67 -30.20
C6 BMA E . -14.18 10.50 -31.11
O2 BMA E . -9.98 8.71 -30.07
O3 BMA E . -9.34 11.37 -30.94
O4 BMA E . -11.92 12.18 -31.72
O5 BMA E . -12.75 9.48 -29.46
O6 BMA E . -15.05 9.57 -30.53
C1 MAN E . -16.32 9.51 -31.18
C2 MAN E . -17.35 9.91 -30.14
C3 MAN E . -18.61 9.08 -30.29
C4 MAN E . -18.25 7.61 -30.03
C5 MAN E . -16.90 7.26 -30.67
C6 MAN E . -16.87 5.82 -31.19
O2 MAN E . -17.65 11.29 -30.24
O3 MAN E . -19.10 9.22 -31.61
O4 MAN E . -18.19 7.44 -28.63
O5 MAN E . -16.56 8.20 -31.69
O6 MAN E . -16.53 5.84 -32.57
C1 MAN E . -17.07 4.74 -33.35
C2 MAN E . -18.54 4.97 -33.65
C3 MAN E . -19.21 3.71 -34.16
C4 MAN E . -19.13 2.60 -33.12
C5 MAN E . -17.88 2.71 -32.24
C6 MAN E . -17.34 1.32 -31.89
O2 MAN E . -18.65 6.00 -34.60
O3 MAN E . -18.59 3.31 -35.37
O4 MAN E . -20.26 2.67 -32.26
O5 MAN E . -16.81 3.44 -32.81
O6 MAN E . -16.30 1.47 -30.94
C1 MAN E . -8.62 12.52 -30.40
C2 MAN E . -7.68 13.21 -31.43
C3 MAN E . -6.21 13.05 -31.04
C4 MAN E . -5.94 11.62 -30.59
C5 MAN E . -6.87 11.18 -29.45
C6 MAN E . -6.12 11.09 -28.12
O2 MAN E . -7.90 14.62 -31.50
O3 MAN E . -5.87 13.98 -30.02
O4 MAN E . -6.22 10.83 -31.72
O5 MAN E . -7.94 12.08 -29.24
O6 MAN E . -6.91 10.38 -27.18
C1 NAG F . -20.28 -4.06 -28.07
C2 NAG F . -20.91 -4.00 -29.46
C3 NAG F . -20.82 -5.37 -30.13
C4 NAG F . -19.34 -5.72 -30.24
C5 NAG F . -18.68 -5.66 -28.86
C6 NAG F . -17.16 -5.85 -28.95
C7 NAG F . -22.76 -2.45 -30.03
C8 NAG F . -21.96 -1.72 -31.07
N2 NAG F . -22.26 -3.48 -29.34
O3 NAG F . -21.43 -5.35 -31.41
O4 NAG F . -19.21 -7.02 -30.75
O5 NAG F . -18.91 -4.40 -28.26
O6 NAG F . -16.58 -4.64 -29.39
O7 NAG F . -23.91 -2.08 -29.82
C1 NAG F . -18.36 -7.02 -31.91
C2 NAG F . -17.80 -8.42 -32.13
C3 NAG F . -16.93 -8.38 -33.40
C4 NAG F . -17.75 -7.86 -34.57
C5 NAG F . -18.32 -6.49 -34.24
C6 NAG F . -19.25 -6.03 -35.36
C7 NAG F . -17.27 -9.60 -30.00
C8 NAG F . -16.19 -9.81 -28.96
N2 NAG F . -16.93 -8.78 -31.02
O3 NAG F . -16.53 -9.67 -33.72
O4 NAG F . -16.96 -7.85 -35.76
O5 NAG F . -19.08 -6.59 -33.05
O6 NAG F . -20.52 -5.74 -34.84
O7 NAG F . -18.35 -10.17 -29.85
C1 NAG G . -0.47 -25.74 -4.10
C2 NAG G . 0.71 -25.50 -5.04
C3 NAG G . 1.76 -26.60 -4.85
C4 NAG G . 2.11 -26.73 -3.37
C5 NAG G . 0.84 -26.87 -2.53
C6 NAG G . 1.12 -26.96 -1.01
C7 NAG G . -0.29 -24.41 -6.98
C8 NAG G . -0.80 -24.52 -8.39
N2 NAG G . 0.23 -25.51 -6.43
O3 NAG G . 2.88 -26.31 -5.66
O4 NAG G . 2.85 -27.92 -3.19
O5 NAG G . -0.04 -25.78 -2.76
O6 NAG G . 1.76 -25.79 -0.56
O7 NAG G . -0.36 -23.34 -6.38
C1 NAG G . 4.15 -27.67 -2.62
C2 NAG G . 4.72 -29.03 -2.21
C3 NAG G . 6.17 -28.97 -1.81
C4 NAG G . 7.01 -28.25 -2.84
C5 NAG G . 6.33 -26.94 -3.25
C6 NAG G . 7.02 -26.40 -4.50
C7 NAG G . 3.26 -30.72 -1.34
C8 NAG G . 2.54 -31.31 -0.15
N2 NAG G . 3.99 -29.64 -1.14
O3 NAG G . 6.64 -30.29 -1.66
O4 NAG G . 8.20 -27.92 -2.16
O5 NAG G . 4.97 -27.11 -3.60
O6 NAG G . 7.39 -27.47 -5.31
O7 NAG G . 3.16 -31.24 -2.45
C1 BMA G . 9.41 -28.37 -2.78
C2 BMA G . 10.49 -27.63 -2.02
C3 BMA G . 11.84 -28.07 -2.56
C4 BMA G . 12.06 -29.56 -2.29
C5 BMA G . 10.78 -30.41 -2.31
C6 BMA G . 10.52 -31.19 -1.01
O2 BMA G . 10.41 -27.89 -0.64
O3 BMA G . 12.83 -27.24 -1.96
O4 BMA G . 12.95 -30.06 -3.26
O5 BMA G . 9.57 -29.78 -2.75
O6 BMA G . 10.95 -32.53 -1.09
C1 NAG H . -7.38 -6.58 14.02
C2 NAG H . -8.14 -5.34 14.48
C3 NAG H . -9.63 -5.70 14.68
C4 NAG H . -10.18 -6.48 13.47
C5 NAG H . -9.25 -7.61 13.02
C6 NAG H . -9.75 -8.33 11.75
C7 NAG H . -6.61 -3.76 15.62
C8 NAG H . -6.03 -3.25 16.92
N2 NAG H . -7.51 -4.77 15.66
O3 NAG H . -10.38 -4.52 14.86
O4 NAG H . -11.48 -7.00 13.74
O5 NAG H . -7.96 -7.10 12.83
O6 NAG H . -9.62 -7.52 10.61
O7 NAG H . -6.22 -3.23 14.57
P PO4 I . 2.60 16.42 18.57
O1 PO4 I . 2.36 16.73 20.03
O2 PO4 I . 3.31 15.11 18.39
O3 PO4 I . 3.56 17.33 17.87
O4 PO4 I . 1.20 16.29 18.05
ZN ZN J . 5.18 16.03 17.77
ZN ZN K . -0.45 16.86 16.85
ZN ZN L . 2.83 13.41 18.10
P PO4 M . -0.59 -7.94 -21.98
O1 PO4 M . 0.64 -8.29 -21.19
O2 PO4 M . -0.81 -6.46 -22.11
O3 PO4 M . -1.85 -8.39 -21.29
O4 PO4 M . -0.50 -8.63 -23.35
ZN ZN N . -3.16 -6.63 -21.47
ZN ZN O . 2.38 -7.87 -20.42
ZN ZN P . -2.13 -9.65 -19.89
#